data_6L6S
#
_entry.id   6L6S
#
_cell.length_a   44.265
_cell.length_b   82.348
_cell.length_c   122.444
_cell.angle_alpha   90.000
_cell.angle_beta   94.927
_cell.angle_gamma   90.000
#
_symmetry.space_group_name_H-M   'C 1 2 1'
#
loop_
_entity.id
_entity.type
_entity.pdbx_description
1 polymer 'Phage SPO1 DNA polymerase-related protein'
2 polymer "DNA (5'-D(P*TP*GP*(ORP)P*AP*GP*GP*CP*AP*TP*GP*C)-3')"
3 non-polymer 'IRON/SULFUR CLUSTER'
4 water water
#
loop_
_entity_poly.entity_id
_entity_poly.type
_entity_poly.pdbx_seq_one_letter_code
_entity_poly.pdbx_strand_id
1 'polypeptide(L)'
;GSHMAGAQDFVPHTADLAELAAAAGECRGCGLYRDATQAVFGAGGRSARIMMIGEQPGDKEDLAGLPFVGPAGRLLDRAL
EAADIDRDALYVTNAVKHFKFTRAAGGKRRIEKTPSRTEVVACRPWLIAEMTSVEPDVVVLLGATAAKALLGNDFRVTQH
RGEVLHVDDVPGDPALVATVHPSSLLRGPKEERESAFAGLVDDLRVAADVRP
;
A,B
2 'polydeoxyribonucleotide' (DT)(DC)(DA)(DA)(DG)(DT)(DG)(ORP)(DA)(DG)(DG)(DC)(DA)(DT)(DG)(DC) C,D
#
loop_
_chem_comp.id
_chem_comp.type
_chem_comp.name
_chem_comp.formula
DA DNA linking 2'-DEOXYADENOSINE-5'-MONOPHOSPHATE 'C10 H14 N5 O6 P'
DC DNA linking 2'-DEOXYCYTIDINE-5'-MONOPHOSPHATE 'C9 H14 N3 O7 P'
DG DNA linking 2'-DEOXYGUANOSINE-5'-MONOPHOSPHATE 'C10 H14 N5 O7 P'
DT DNA linking THYMIDINE-5'-MONOPHOSPHATE 'C10 H15 N2 O8 P'
ORP saccharide 2-DEOXY-5-PHOSPHONO-RIBOSE 'C5 H11 O7 P'
SF4 non-polymer 'IRON/SULFUR CLUSTER' 'Fe4 S4'
#
# COMPACT_ATOMS: atom_id res chain seq x y z
N GLY A 6 12.76 -27.33 -3.14
CA GLY A 6 12.03 -26.16 -2.71
C GLY A 6 10.53 -26.22 -2.98
N ALA A 7 9.97 -25.06 -3.34
CA ALA A 7 8.52 -24.85 -3.39
C ALA A 7 7.84 -25.50 -4.58
N GLN A 8 8.56 -26.25 -5.43
CA GLN A 8 7.98 -26.61 -6.72
C GLN A 8 6.76 -27.51 -6.57
N ASP A 9 6.74 -28.38 -5.56
CA ASP A 9 5.58 -29.25 -5.37
C ASP A 9 4.35 -28.49 -4.89
N PHE A 10 4.53 -27.31 -4.28
CA PHE A 10 3.41 -26.54 -3.75
C PHE A 10 2.82 -25.57 -4.76
N VAL A 11 3.35 -25.53 -5.98
CA VAL A 11 2.86 -24.63 -7.01
C VAL A 11 1.84 -25.38 -7.84
N PRO A 12 0.56 -25.02 -7.79
CA PRO A 12 -0.43 -25.75 -8.58
C PRO A 12 -0.30 -25.42 -10.06
N HIS A 13 -0.78 -26.35 -10.89
CA HIS A 13 -0.70 -26.20 -12.35
C HIS A 13 -1.87 -25.33 -12.80
N THR A 14 -1.72 -24.02 -12.58
CA THR A 14 -2.75 -23.06 -12.93
C THR A 14 -2.08 -21.72 -13.18
N ALA A 15 -2.73 -20.88 -14.00
CA ALA A 15 -2.27 -19.52 -14.23
C ALA A 15 -3.17 -18.49 -13.55
N ASP A 16 -3.98 -18.93 -12.59
CA ASP A 16 -4.88 -18.04 -11.87
C ASP A 16 -4.15 -17.50 -10.65
N LEU A 17 -3.90 -16.19 -10.67
CA LEU A 17 -3.09 -15.57 -9.61
C LEU A 17 -3.72 -15.74 -8.23
N ALA A 18 -5.05 -15.76 -8.15
CA ALA A 18 -5.72 -16.01 -6.87
C ALA A 18 -5.45 -17.41 -6.37
N GLU A 19 -5.44 -18.41 -7.27
CA GLU A 19 -5.12 -19.76 -6.81
C GLU A 19 -3.66 -19.86 -6.38
N LEU A 20 -2.75 -19.29 -7.18
CA LEU A 20 -1.34 -19.31 -6.77
C LEU A 20 -1.13 -18.63 -5.44
N ALA A 21 -1.79 -17.48 -5.23
CA ALA A 21 -1.63 -16.74 -3.99
C ALA A 21 -2.16 -17.54 -2.82
N ALA A 22 -3.33 -18.14 -2.98
CA ALA A 22 -3.89 -18.95 -1.89
C ALA A 22 -3.03 -20.17 -1.58
N ALA A 23 -2.43 -20.79 -2.61
CA ALA A 23 -1.53 -21.91 -2.39
C ALA A 23 -0.27 -21.47 -1.64
N ALA A 24 0.31 -20.33 -1.99
CA ALA A 24 1.51 -19.84 -1.32
C ALA A 24 1.34 -19.79 0.20
N GLY A 25 0.13 -19.50 0.66
CA GLY A 25 -0.20 -19.61 2.08
C GLY A 25 0.02 -20.99 2.66
N GLU A 26 0.14 -22.01 1.80
CA GLU A 26 0.36 -23.39 2.21
C GLU A 26 1.79 -23.87 1.98
N CYS A 27 2.65 -23.01 1.45
CA CYS A 27 4.00 -23.44 1.06
C CYS A 27 4.85 -23.85 2.26
N ARG A 28 5.66 -24.90 2.07
CA ARG A 28 6.67 -25.33 3.03
C ARG A 28 8.04 -25.47 2.36
N GLY A 29 8.32 -24.70 1.30
CA GLY A 29 9.53 -24.88 0.53
C GLY A 29 10.81 -24.47 1.23
N CYS A 30 10.72 -23.66 2.27
CA CYS A 30 11.85 -23.29 3.12
C CYS A 30 11.26 -22.96 4.49
N GLY A 31 12.11 -22.54 5.43
CA GLY A 31 11.63 -22.28 6.78
C GLY A 31 10.97 -20.93 7.04
N LEU A 32 10.96 -20.03 6.05
CA LEU A 32 10.51 -18.67 6.33
C LEU A 32 9.04 -18.61 6.70
N TYR A 33 8.22 -19.55 6.21
CA TYR A 33 6.80 -19.50 6.52
C TYR A 33 6.53 -19.50 8.02
N ARG A 34 7.45 -20.03 8.84
CA ARG A 34 7.06 -20.28 10.23
C ARG A 34 7.01 -19.02 11.07
N ASP A 35 7.98 -18.12 10.93
CA ASP A 35 7.91 -16.93 11.76
C ASP A 35 7.12 -15.80 11.13
N ALA A 36 6.83 -15.88 9.84
CA ALA A 36 6.15 -14.76 9.20
C ALA A 36 4.65 -14.85 9.45
N THR A 37 3.98 -13.70 9.34
CA THR A 37 2.54 -13.63 9.60
C THR A 37 1.75 -14.35 8.53
N GLN A 38 2.19 -14.24 7.28
CA GLN A 38 1.45 -14.71 6.12
C GLN A 38 2.33 -14.59 4.88
N ALA A 39 2.07 -15.40 3.88
CA ALA A 39 2.75 -15.21 2.61
C ALA A 39 2.28 -13.91 1.97
N VAL A 40 3.20 -13.18 1.36
CA VAL A 40 2.88 -11.95 0.64
C VAL A 40 3.14 -12.23 -0.82
N PHE A 41 2.06 -12.42 -1.58
CA PHE A 41 2.16 -12.76 -2.99
C PHE A 41 2.19 -11.48 -3.83
N GLY A 42 2.24 -11.64 -5.14
CA GLY A 42 2.24 -10.49 -6.04
C GLY A 42 0.93 -9.74 -6.04
N ALA A 43 0.96 -8.53 -6.59
CA ALA A 43 -0.21 -7.68 -6.71
C ALA A 43 -0.29 -7.14 -8.12
N GLY A 44 -1.47 -7.22 -8.71
CA GLY A 44 -1.71 -6.84 -10.09
C GLY A 44 -2.43 -7.94 -10.82
N GLY A 45 -2.67 -7.68 -12.10
CA GLY A 45 -3.40 -8.60 -12.95
C GLY A 45 -2.54 -9.19 -14.05
N ARG A 46 -3.09 -10.21 -14.69
CA ARG A 46 -2.37 -10.86 -15.77
C ARG A 46 -2.22 -9.97 -17.00
N SER A 47 -3.03 -8.91 -17.10
CA SER A 47 -2.89 -8.01 -18.23
C SER A 47 -1.70 -7.08 -18.09
N ALA A 48 -0.96 -7.14 -16.98
CA ALA A 48 0.21 -6.28 -16.83
C ALA A 48 1.26 -6.67 -17.88
N ARG A 49 1.90 -5.66 -18.46
CA ARG A 49 3.02 -5.90 -19.36
C ARG A 49 4.37 -5.65 -18.70
N ILE A 50 4.40 -4.99 -17.54
CA ILE A 50 5.63 -4.76 -16.77
C ILE A 50 5.50 -5.50 -15.45
N MET A 51 6.39 -6.42 -15.19
CA MET A 51 6.51 -7.06 -13.90
C MET A 51 7.72 -6.51 -13.15
N MET A 52 7.57 -6.30 -11.85
CA MET A 52 8.65 -5.77 -11.02
C MET A 52 8.81 -6.65 -9.80
N ILE A 53 10.05 -7.01 -9.50
CA ILE A 53 10.35 -8.03 -8.50
C ILE A 53 11.29 -7.38 -7.49
N GLY A 54 10.85 -7.29 -6.25
CA GLY A 54 11.69 -6.87 -5.15
C GLY A 54 12.31 -8.05 -4.42
N GLU A 55 12.80 -7.80 -3.21
CA GLU A 55 13.55 -8.85 -2.53
C GLU A 55 12.63 -9.76 -1.72
N GLN A 56 11.80 -9.17 -0.87
CA GLN A 56 11.01 -9.88 0.11
C GLN A 56 10.01 -8.89 0.70
N PRO A 57 8.92 -9.37 1.30
CA PRO A 57 8.07 -8.45 2.07
C PRO A 57 8.81 -7.94 3.29
N GLY A 58 8.66 -6.66 3.56
CA GLY A 58 9.15 -6.07 4.78
C GLY A 58 8.13 -6.18 5.90
N ASP A 59 8.40 -5.46 6.98
CA ASP A 59 7.55 -5.53 8.17
C ASP A 59 6.11 -5.12 7.85
N LYS A 60 5.93 -3.94 7.25
CA LYS A 60 4.58 -3.48 6.91
C LYS A 60 3.91 -4.39 5.90
N GLU A 61 4.69 -4.90 4.93
CA GLU A 61 4.13 -5.84 3.95
C GLU A 61 3.63 -7.12 4.60
N ASP A 62 4.40 -7.66 5.54
CA ASP A 62 4.01 -8.89 6.23
C ASP A 62 2.75 -8.66 7.06
N LEU A 63 2.61 -7.48 7.64
CA LEU A 63 1.38 -7.25 8.40
C LEU A 63 0.18 -6.96 7.50
N ALA A 64 0.41 -6.35 6.33
CA ALA A 64 -0.69 -5.99 5.46
C ALA A 64 -1.04 -7.07 4.46
N GLY A 65 -0.14 -8.00 4.17
CA GLY A 65 -0.41 -8.99 3.16
C GLY A 65 -0.24 -8.48 1.75
N LEU A 66 0.35 -7.30 1.58
CA LEU A 66 0.52 -6.70 0.27
C LEU A 66 1.96 -6.30 0.03
N PRO A 67 2.43 -6.37 -1.22
CA PRO A 67 3.79 -5.93 -1.53
C PRO A 67 3.91 -4.41 -1.56
N PHE A 68 5.08 -3.94 -1.12
CA PHE A 68 5.49 -2.55 -1.31
C PHE A 68 4.49 -1.56 -0.72
N VAL A 69 4.19 -1.74 0.57
CA VAL A 69 3.33 -0.81 1.30
C VAL A 69 4.08 0.03 2.31
N GLY A 70 5.32 -0.33 2.64
CA GLY A 70 6.12 0.41 3.59
C GLY A 70 6.95 1.51 2.96
N PRO A 71 7.91 2.05 3.71
CA PRO A 71 8.70 3.18 3.20
C PRO A 71 9.34 2.95 1.83
N ALA A 72 9.92 1.76 1.60
CA ALA A 72 10.53 1.49 0.30
C ALA A 72 9.49 1.51 -0.81
N GLY A 73 8.28 1.02 -0.52
CA GLY A 73 7.19 1.08 -1.49
C GLY A 73 6.70 2.50 -1.77
N ARG A 74 6.71 3.37 -0.76
CA ARG A 74 6.36 4.77 -1.00
C ARG A 74 7.37 5.42 -1.93
N LEU A 75 8.66 5.15 -1.69
CA LEU A 75 9.68 5.66 -2.60
C LEU A 75 9.50 5.09 -3.99
N LEU A 76 9.21 3.79 -4.10
CA LEU A 76 8.93 3.20 -5.40
C LEU A 76 7.76 3.91 -6.08
N ASP A 77 6.74 4.27 -5.31
CA ASP A 77 5.59 4.99 -5.84
C ASP A 77 6.00 6.32 -6.47
N ARG A 78 6.86 7.08 -5.78
CA ARG A 78 7.32 8.33 -6.38
C ARG A 78 8.16 8.06 -7.63
N ALA A 79 8.97 6.99 -7.61
CA ALA A 79 9.75 6.64 -8.80
C ALA A 79 8.85 6.32 -9.98
N LEU A 80 7.79 5.55 -9.75
CA LEU A 80 6.84 5.23 -10.81
C LEU A 80 6.19 6.49 -11.37
N GLU A 81 5.79 7.43 -10.52
CA GLU A 81 5.18 8.65 -11.04
C GLU A 81 6.19 9.44 -11.86
N ALA A 82 7.44 9.53 -11.40
CA ALA A 82 8.44 10.30 -12.13
C ALA A 82 8.80 9.65 -13.47
N ALA A 83 8.64 8.33 -13.57
CA ALA A 83 8.88 7.61 -14.82
C ALA A 83 7.62 7.49 -15.66
N ASP A 84 6.53 8.16 -15.26
CA ASP A 84 5.22 8.12 -15.91
C ASP A 84 4.76 6.69 -16.21
N ILE A 85 4.90 5.82 -15.24
CA ILE A 85 4.47 4.43 -15.36
C ILE A 85 3.13 4.29 -14.66
N ASP A 86 2.10 3.92 -15.42
CA ASP A 86 0.80 3.62 -14.83
C ASP A 86 0.85 2.31 -14.06
N ARG A 87 0.18 2.29 -12.92
CA ARG A 87 0.07 1.07 -12.13
C ARG A 87 -0.84 0.05 -12.81
N ASP A 88 -1.70 0.51 -13.72
CA ASP A 88 -2.55 -0.42 -14.45
C ASP A 88 -1.72 -1.41 -15.27
N ALA A 89 -0.51 -1.03 -15.67
CA ALA A 89 0.35 -1.91 -16.45
C ALA A 89 1.30 -2.77 -15.61
N LEU A 90 1.17 -2.76 -14.28
CA LEU A 90 2.18 -3.34 -13.40
C LEU A 90 1.66 -4.56 -12.67
N TYR A 91 2.49 -5.59 -12.61
CA TYR A 91 2.37 -6.66 -11.64
C TYR A 91 3.61 -6.61 -10.76
N VAL A 92 3.45 -6.52 -9.44
CA VAL A 92 4.56 -6.28 -8.53
C VAL A 92 4.61 -7.41 -7.51
N THR A 93 5.81 -7.97 -7.30
CA THR A 93 5.97 -9.11 -6.42
C THR A 93 7.40 -9.07 -5.88
N ASN A 94 7.77 -10.13 -5.17
CA ASN A 94 9.06 -10.25 -4.52
C ASN A 94 9.63 -11.63 -4.79
N ALA A 95 10.96 -11.70 -4.78
CA ALA A 95 11.63 -12.97 -5.04
C ALA A 95 11.30 -13.98 -3.96
N VAL A 96 11.11 -13.52 -2.72
CA VAL A 96 10.82 -14.36 -1.58
C VAL A 96 9.50 -13.91 -0.98
N LYS A 97 8.62 -14.86 -0.67
CA LYS A 97 7.22 -14.59 -0.34
C LYS A 97 6.92 -14.48 1.14
N HIS A 98 7.84 -14.86 2.01
CA HIS A 98 7.66 -14.73 3.45
C HIS A 98 8.76 -13.86 4.04
N PHE A 99 8.35 -12.99 4.95
CA PHE A 99 9.18 -12.02 5.62
C PHE A 99 10.24 -12.70 6.51
N LYS A 100 11.51 -12.43 6.24
CA LYS A 100 12.62 -12.94 7.05
C LYS A 100 13.09 -11.83 7.98
N PHE A 101 13.12 -12.10 9.29
CA PHE A 101 13.46 -11.07 10.26
C PHE A 101 14.11 -11.68 11.50
N THR A 102 14.70 -10.81 12.31
CA THR A 102 15.20 -11.07 13.65
C THR A 102 14.75 -9.93 14.56
N ARG A 103 14.88 -10.13 15.87
CA ARG A 103 14.70 -9.08 16.88
C ARG A 103 15.89 -9.08 17.82
N ALA A 104 16.31 -7.89 18.25
CA ALA A 104 17.21 -7.81 19.39
C ALA A 104 16.54 -8.44 20.61
N ALA A 105 17.33 -9.16 21.40
CA ALA A 105 16.78 -9.93 22.51
C ALA A 105 15.95 -9.04 23.43
N GLY A 106 16.34 -7.78 23.60
CA GLY A 106 15.60 -6.89 24.47
C GLY A 106 14.74 -5.88 23.72
N GLY A 107 14.46 -6.16 22.45
CA GLY A 107 13.72 -5.25 21.61
C GLY A 107 12.42 -5.86 21.11
N LYS A 108 11.56 -4.98 20.62
CA LYS A 108 10.31 -5.41 20.02
C LYS A 108 10.29 -5.30 18.51
N ARG A 109 11.00 -4.33 17.94
CA ARG A 109 10.91 -4.10 16.50
C ARG A 109 11.45 -5.31 15.75
N ARG A 110 10.79 -5.63 14.64
CA ARG A 110 11.26 -6.70 13.79
C ARG A 110 12.24 -6.14 12.78
N ILE A 111 13.43 -6.73 12.73
CA ILE A 111 14.52 -6.23 11.91
C ILE A 111 14.69 -7.14 10.71
N GLU A 112 14.58 -6.56 9.53
CA GLU A 112 14.57 -7.35 8.31
C GLU A 112 15.96 -7.93 8.06
N LYS A 113 16.00 -9.19 7.63
CA LYS A 113 17.24 -9.87 7.26
C LYS A 113 17.19 -10.31 5.82
N THR A 114 18.30 -10.13 5.10
CA THR A 114 18.34 -10.47 3.68
C THR A 114 18.10 -11.97 3.49
N PRO A 115 17.23 -12.37 2.55
CA PRO A 115 17.08 -13.80 2.30
C PRO A 115 18.41 -14.44 1.90
N SER A 116 18.66 -15.62 2.47
CA SER A 116 19.75 -16.43 1.97
C SER A 116 19.51 -16.83 0.53
N ARG A 117 20.60 -17.20 -0.15
CA ARG A 117 20.50 -17.67 -1.54
C ARG A 117 19.74 -18.99 -1.63
N THR A 118 19.84 -19.86 -0.62
CA THR A 118 19.03 -21.07 -0.64
C THR A 118 17.54 -20.75 -0.50
N GLU A 119 17.19 -19.69 0.22
CA GLU A 119 15.78 -19.32 0.29
C GLU A 119 15.31 -18.75 -1.05
N VAL A 120 16.13 -17.93 -1.72
CA VAL A 120 15.75 -17.43 -3.04
C VAL A 120 15.54 -18.57 -4.01
N VAL A 121 16.45 -19.54 -4.02
CA VAL A 121 16.29 -20.70 -4.91
C VAL A 121 15.05 -21.50 -4.54
N ALA A 122 14.79 -21.69 -3.25
CA ALA A 122 13.61 -22.46 -2.87
C ALA A 122 12.32 -21.77 -3.34
N CYS A 123 12.29 -20.44 -3.26
CA CYS A 123 11.04 -19.72 -3.53
C CYS A 123 10.86 -19.38 -5.01
N ARG A 124 11.89 -19.58 -5.84
CA ARG A 124 11.79 -19.11 -7.22
C ARG A 124 10.68 -19.77 -8.03
N PRO A 125 10.25 -21.03 -7.76
CA PRO A 125 9.09 -21.58 -8.49
C PRO A 125 7.84 -20.70 -8.49
N TRP A 126 7.57 -19.98 -7.39
CA TRP A 126 6.43 -19.07 -7.39
C TRP A 126 6.63 -17.93 -8.38
N LEU A 127 7.86 -17.42 -8.45
CA LEU A 127 8.18 -16.36 -9.37
C LEU A 127 8.03 -16.83 -10.82
N ILE A 128 8.50 -18.04 -11.12
CA ILE A 128 8.31 -18.60 -12.46
C ILE A 128 6.81 -18.75 -12.76
N ALA A 129 6.04 -19.21 -11.78
CA ALA A 129 4.59 -19.35 -11.96
C ALA A 129 3.94 -18.00 -12.26
N GLU A 130 4.35 -16.95 -11.54
CA GLU A 130 3.85 -15.61 -11.80
C GLU A 130 4.25 -15.14 -13.20
N MET A 131 5.50 -15.37 -13.59
CA MET A 131 5.94 -14.90 -14.90
C MET A 131 5.18 -15.61 -16.03
N THR A 132 4.91 -16.92 -15.87
CA THR A 132 4.15 -17.62 -16.91
C THR A 132 2.71 -17.15 -16.95
N SER A 133 2.11 -16.89 -15.79
CA SER A 133 0.74 -16.40 -15.75
C SER A 133 0.63 -15.01 -16.38
N VAL A 134 1.58 -14.13 -16.07
CA VAL A 134 1.49 -12.72 -16.44
C VAL A 134 2.03 -12.45 -17.85
N GLU A 135 3.04 -13.19 -18.29
CA GLU A 135 3.67 -12.98 -19.58
C GLU A 135 4.08 -11.51 -19.78
N PRO A 136 4.89 -10.95 -18.88
CA PRO A 136 5.27 -9.55 -19.02
C PRO A 136 6.17 -9.36 -20.23
N ASP A 137 6.10 -8.15 -20.81
CA ASP A 137 7.04 -7.79 -21.86
C ASP A 137 8.42 -7.44 -21.28
N VAL A 138 8.45 -6.98 -20.05
CA VAL A 138 9.70 -6.60 -19.40
C VAL A 138 9.58 -6.91 -17.92
N VAL A 139 10.70 -7.30 -17.32
CA VAL A 139 10.78 -7.61 -15.90
C VAL A 139 11.79 -6.63 -15.32
N VAL A 140 11.33 -5.83 -14.36
CA VAL A 140 12.22 -4.96 -13.60
C VAL A 140 12.65 -5.71 -12.35
N LEU A 141 13.94 -5.91 -12.21
CA LEU A 141 14.52 -6.57 -11.04
C LEU A 141 14.98 -5.49 -10.06
N LEU A 142 14.24 -5.33 -8.96
CA LEU A 142 14.52 -4.27 -8.00
C LEU A 142 15.49 -4.81 -6.97
N GLY A 143 16.78 -4.56 -7.19
CA GLY A 143 17.80 -4.94 -6.24
C GLY A 143 18.48 -6.27 -6.58
N ALA A 144 19.49 -6.57 -5.78
CA ALA A 144 20.40 -7.69 -6.05
C ALA A 144 19.73 -9.04 -5.86
N THR A 145 18.94 -9.21 -4.81
CA THR A 145 18.30 -10.51 -4.55
C THR A 145 17.43 -10.94 -5.73
N ALA A 146 16.53 -10.06 -6.18
CA ALA A 146 15.66 -10.35 -7.32
C ALA A 146 16.47 -10.58 -8.60
N ALA A 147 17.43 -9.69 -8.87
CA ALA A 147 18.22 -9.79 -10.09
C ALA A 147 19.02 -11.08 -10.13
N LYS A 148 19.66 -11.44 -9.01
CA LYS A 148 20.40 -12.70 -8.99
C LYS A 148 19.45 -13.88 -9.07
N ALA A 149 18.22 -13.73 -8.55
CA ALA A 149 17.23 -14.78 -8.67
C ALA A 149 17.01 -15.16 -10.11
N LEU A 150 17.00 -14.17 -11.01
CA LEU A 150 16.75 -14.54 -12.41
C LEU A 150 17.98 -14.54 -13.31
N LEU A 151 19.07 -13.90 -12.92
CA LEU A 151 20.24 -13.72 -13.78
C LEU A 151 21.46 -14.48 -13.29
N GLY A 152 21.38 -15.15 -12.16
CA GLY A 152 22.52 -15.91 -11.68
C GLY A 152 23.22 -15.21 -10.53
N ASN A 153 23.82 -16.01 -9.65
CA ASN A 153 24.40 -15.45 -8.43
C ASN A 153 25.59 -14.54 -8.71
N ASP A 154 26.17 -14.57 -9.90
CA ASP A 154 27.30 -13.71 -10.21
C ASP A 154 26.89 -12.34 -10.73
N PHE A 155 25.60 -12.09 -10.90
CA PHE A 155 25.15 -10.83 -11.49
C PHE A 155 25.30 -9.68 -10.50
N ARG A 156 25.78 -8.55 -11.02
CA ARG A 156 26.06 -7.35 -10.22
C ARG A 156 25.18 -6.23 -10.72
N VAL A 157 24.15 -5.88 -9.93
CA VAL A 157 23.22 -4.82 -10.35
C VAL A 157 23.95 -3.50 -10.55
N THR A 158 24.94 -3.20 -9.71
CA THR A 158 25.66 -1.94 -9.90
C THR A 158 26.50 -1.92 -11.17
N GLN A 159 26.72 -3.08 -11.79
CA GLN A 159 27.51 -3.19 -13.01
C GLN A 159 26.66 -3.16 -14.27
N HIS A 160 25.41 -3.63 -14.21
CA HIS A 160 24.60 -3.76 -15.42
C HIS A 160 23.21 -3.15 -15.29
N ARG A 161 22.98 -2.31 -14.28
CA ARG A 161 21.70 -1.66 -14.12
C ARG A 161 21.38 -0.79 -15.33
N GLY A 162 20.11 -0.73 -15.68
CA GLY A 162 19.68 0.08 -16.80
C GLY A 162 19.91 -0.54 -18.15
N GLU A 163 20.41 -1.76 -18.21
CA GLU A 163 20.64 -2.45 -19.48
C GLU A 163 19.48 -3.40 -19.73
N VAL A 164 19.07 -3.49 -20.99
CA VAL A 164 18.02 -4.41 -21.39
C VAL A 164 18.69 -5.76 -21.67
N LEU A 165 18.37 -6.77 -20.86
CA LEU A 165 19.01 -8.07 -20.96
C LEU A 165 17.99 -9.11 -21.38
N HIS A 166 18.51 -10.24 -21.87
CA HIS A 166 17.70 -11.39 -22.24
C HIS A 166 18.44 -12.66 -21.88
N VAL A 167 17.75 -13.60 -21.24
CA VAL A 167 18.35 -14.87 -20.87
C VAL A 167 17.45 -15.98 -21.43
N ASP A 168 18.02 -17.17 -21.57
CA ASP A 168 17.27 -18.22 -22.24
C ASP A 168 16.37 -18.95 -21.25
N ASP A 169 16.91 -19.24 -20.08
CA ASP A 169 16.25 -20.09 -19.11
C ASP A 169 15.09 -19.42 -18.40
N VAL A 170 14.59 -18.30 -18.90
CA VAL A 170 13.49 -17.57 -18.25
C VAL A 170 12.26 -17.71 -19.12
N PRO A 171 11.12 -18.08 -18.55
CA PRO A 171 9.95 -18.41 -19.37
C PRO A 171 9.38 -17.17 -20.08
N GLY A 172 9.19 -17.29 -21.40
CA GLY A 172 8.62 -16.25 -22.24
C GLY A 172 9.57 -15.23 -22.82
N ASP A 173 10.88 -15.36 -22.56
CA ASP A 173 11.93 -14.44 -23.00
C ASP A 173 11.53 -12.97 -22.87
N PRO A 174 11.16 -12.51 -21.65
CA PRO A 174 10.94 -11.07 -21.46
C PRO A 174 12.25 -10.31 -21.49
N ALA A 175 12.18 -9.03 -21.84
CA ALA A 175 13.30 -8.16 -21.54
C ALA A 175 13.46 -8.05 -20.03
N LEU A 176 14.70 -7.96 -19.56
CA LEU A 176 15.03 -7.82 -18.13
C LEU A 176 15.82 -6.55 -17.92
N VAL A 177 15.44 -5.78 -16.91
CA VAL A 177 16.15 -4.56 -16.56
C VAL A 177 16.41 -4.56 -15.05
N ALA A 178 17.68 -4.55 -14.68
CA ALA A 178 18.06 -4.57 -13.28
C ALA A 178 18.25 -3.15 -12.79
N THR A 179 17.93 -2.93 -11.52
CA THR A 179 18.18 -1.64 -10.91
C THR A 179 18.36 -1.89 -9.42
N VAL A 180 18.70 -0.84 -8.69
CA VAL A 180 18.91 -1.02 -7.26
C VAL A 180 17.56 -1.03 -6.55
N HIS A 181 17.50 -1.73 -5.43
CA HIS A 181 16.28 -1.75 -4.65
C HIS A 181 15.98 -0.34 -4.11
N PRO A 182 14.71 0.06 -4.08
CA PRO A 182 14.39 1.42 -3.58
C PRO A 182 14.83 1.67 -2.14
N SER A 183 14.93 0.62 -1.32
CA SER A 183 15.39 0.83 0.05
C SER A 183 16.84 1.27 0.10
N SER A 184 17.66 0.90 -0.89
CA SER A 184 19.06 1.34 -0.88
C SER A 184 19.18 2.85 -0.84
N LEU A 185 18.24 3.56 -1.49
CA LEU A 185 18.22 5.02 -1.44
C LEU A 185 18.01 5.52 -0.02
N LEU A 186 17.20 4.81 0.77
CA LEU A 186 16.99 5.17 2.17
C LEU A 186 18.19 4.78 3.05
N ARG A 187 18.81 3.63 2.77
CA ARG A 187 19.92 3.17 3.60
C ARG A 187 21.18 3.98 3.37
N GLY A 188 21.38 4.46 2.14
CA GLY A 188 22.56 5.23 1.81
C GLY A 188 22.48 6.65 2.33
N PRO A 189 23.55 7.40 2.10
CA PRO A 189 23.61 8.78 2.60
C PRO A 189 22.56 9.66 1.94
N LYS A 190 21.94 10.53 2.75
CA LYS A 190 20.95 11.45 2.21
C LYS A 190 21.55 12.36 1.15
N GLU A 191 22.86 12.63 1.24
CA GLU A 191 23.52 13.48 0.26
C GLU A 191 23.43 12.88 -1.14
N GLU A 192 23.47 11.56 -1.26
CA GLU A 192 23.38 10.88 -2.55
C GLU A 192 21.96 10.54 -2.95
N ARG A 193 20.98 10.82 -2.09
CA ARG A 193 19.62 10.30 -2.28
C ARG A 193 18.96 10.82 -3.55
N GLU A 194 19.10 12.11 -3.85
CA GLU A 194 18.40 12.64 -5.01
C GLU A 194 19.03 12.16 -6.31
N SER A 195 20.36 12.04 -6.33
CA SER A 195 21.04 11.43 -7.47
C SER A 195 20.61 9.98 -7.65
N ALA A 196 20.49 9.25 -6.53
CA ALA A 196 20.11 7.84 -6.59
C ALA A 196 18.67 7.67 -7.08
N PHE A 197 17.77 8.50 -6.58
CA PHE A 197 16.40 8.52 -7.09
C PHE A 197 16.39 8.75 -8.59
N ALA A 198 17.19 9.71 -9.07
CA ALA A 198 17.27 9.94 -10.51
C ALA A 198 17.71 8.69 -11.25
N GLY A 199 18.71 7.97 -10.72
CA GLY A 199 19.16 6.75 -11.37
C GLY A 199 18.08 5.70 -11.45
N LEU A 200 17.39 5.47 -10.33
CA LEU A 200 16.24 4.55 -10.31
C LEU A 200 15.23 4.90 -11.38
N VAL A 201 14.84 6.17 -11.42
CA VAL A 201 13.84 6.62 -12.38
C VAL A 201 14.33 6.40 -13.81
N ASP A 202 15.61 6.65 -14.07
CA ASP A 202 16.16 6.40 -15.40
C ASP A 202 16.00 4.93 -15.79
N ASP A 203 16.41 4.02 -14.90
CA ASP A 203 16.30 2.60 -15.20
C ASP A 203 14.84 2.19 -15.44
N LEU A 204 13.93 2.72 -14.62
CA LEU A 204 12.50 2.45 -14.83
C LEU A 204 12.04 2.97 -16.19
N ARG A 205 12.60 4.12 -16.63
CA ARG A 205 12.23 4.65 -17.93
C ARG A 205 12.71 3.73 -19.05
N VAL A 206 13.92 3.21 -18.93
CA VAL A 206 14.41 2.20 -19.87
C VAL A 206 13.42 1.05 -19.96
N ALA A 207 13.00 0.54 -18.80
CA ALA A 207 12.07 -0.60 -18.79
C ALA A 207 10.72 -0.27 -19.40
N ALA A 208 10.19 0.92 -19.15
CA ALA A 208 8.89 1.26 -19.70
C ALA A 208 8.93 1.50 -21.21
N ASP A 209 10.10 1.78 -21.79
CA ASP A 209 10.20 2.00 -23.23
C ASP A 209 10.59 0.74 -23.99
N VAL A 210 10.53 -0.44 -23.36
CA VAL A 210 10.83 -1.67 -24.07
C VAL A 210 9.66 -1.99 -24.98
N ARG A 211 9.95 -2.29 -26.25
CA ARG A 211 8.90 -2.68 -27.18
C ARG A 211 9.06 -4.15 -27.56
N PRO A 212 8.07 -5.00 -27.30
CA PRO A 212 8.17 -6.41 -27.70
C PRO A 212 8.10 -6.58 -29.21
N ALA B 15 -9.52 -2.13 22.98
CA ALA B 15 -8.45 -1.31 22.42
C ALA B 15 -7.52 -2.15 21.53
N ASP B 16 -8.05 -3.29 21.11
CA ASP B 16 -7.32 -4.24 20.28
C ASP B 16 -7.72 -4.06 18.82
N LEU B 17 -6.81 -3.49 18.01
CA LEU B 17 -7.15 -3.15 16.63
C LEU B 17 -7.31 -4.39 15.75
N ALA B 18 -6.56 -5.46 16.04
CA ALA B 18 -6.60 -6.66 15.20
C ALA B 18 -7.91 -7.42 15.36
N GLU B 19 -8.41 -7.55 16.59
CA GLU B 19 -9.69 -8.22 16.80
C GLU B 19 -10.85 -7.39 16.28
N LEU B 20 -10.84 -6.09 16.56
CA LEU B 20 -11.85 -5.21 16.00
C LEU B 20 -11.89 -5.34 14.48
N ALA B 21 -10.73 -5.47 13.84
CA ALA B 21 -10.68 -5.57 12.38
C ALA B 21 -11.22 -6.92 11.89
N ALA B 22 -10.68 -8.03 12.42
CA ALA B 22 -11.11 -9.34 11.96
C ALA B 22 -12.59 -9.56 12.25
N ALA B 23 -13.10 -8.95 13.33
CA ALA B 23 -14.54 -8.95 13.58
C ALA B 23 -15.27 -8.15 12.51
N ALA B 24 -14.75 -6.95 12.19
CA ALA B 24 -15.39 -6.12 11.17
C ALA B 24 -15.60 -6.89 9.88
N GLY B 25 -14.69 -7.81 9.55
CA GLY B 25 -14.98 -8.71 8.44
C GLY B 25 -16.27 -9.49 8.61
N GLU B 26 -16.75 -9.66 9.84
CA GLU B 26 -17.99 -10.38 10.14
C GLU B 26 -19.15 -9.49 10.55
N CYS B 27 -18.98 -8.17 10.51
CA CYS B 27 -20.03 -7.23 10.85
C CYS B 27 -21.18 -7.32 9.83
N ARG B 28 -22.42 -7.27 10.31
CA ARG B 28 -23.58 -7.22 9.43
C ARG B 28 -24.51 -6.07 9.82
N GLY B 29 -23.95 -5.00 10.39
CA GLY B 29 -24.71 -3.89 10.94
C GLY B 29 -25.48 -3.09 9.92
N CYS B 30 -25.16 -3.23 8.64
CA CYS B 30 -25.97 -2.64 7.59
C CYS B 30 -25.79 -3.51 6.35
N GLY B 31 -26.42 -3.13 5.25
CA GLY B 31 -26.37 -3.94 4.05
C GLY B 31 -25.09 -3.84 3.26
N LEU B 32 -24.18 -2.97 3.69
CA LEU B 32 -22.95 -2.75 2.92
C LEU B 32 -22.00 -3.93 3.03
N TYR B 33 -22.04 -4.68 4.14
CA TYR B 33 -21.18 -5.84 4.29
C TYR B 33 -21.49 -6.91 3.23
N ARG B 34 -22.73 -6.96 2.75
CA ARG B 34 -23.17 -8.08 1.93
C ARG B 34 -22.62 -8.00 0.51
N ASP B 35 -22.44 -6.79 -0.01
CA ASP B 35 -22.33 -6.57 -1.46
C ASP B 35 -20.93 -6.65 -2.09
N ALA B 36 -19.82 -6.40 -1.36
CA ALA B 36 -18.54 -6.25 -2.05
C ALA B 36 -17.55 -7.36 -1.72
N THR B 37 -16.60 -7.15 -0.79
CA THR B 37 -15.52 -8.11 -0.58
C THR B 37 -15.07 -8.26 0.88
N GLN B 38 -14.77 -7.17 1.57
CA GLN B 38 -14.36 -7.29 2.95
C GLN B 38 -14.39 -5.92 3.62
N ALA B 39 -14.53 -5.95 4.95
CA ALA B 39 -14.38 -4.73 5.71
C ALA B 39 -12.93 -4.27 5.61
N VAL B 40 -12.75 -2.97 5.46
CA VAL B 40 -11.42 -2.38 5.38
C VAL B 40 -11.27 -1.51 6.61
N PHE B 41 -10.46 -1.97 7.55
CA PHE B 41 -10.33 -1.30 8.83
C PHE B 41 -9.27 -0.22 8.72
N GLY B 42 -9.00 0.43 9.84
CA GLY B 42 -7.94 1.40 9.87
C GLY B 42 -6.57 0.75 9.71
N ALA B 43 -5.58 1.61 9.45
CA ALA B 43 -4.20 1.18 9.33
C ALA B 43 -3.34 2.14 10.14
N GLY B 44 -2.46 1.58 10.95
CA GLY B 44 -1.66 2.32 11.88
C GLY B 44 -1.75 1.72 13.26
N GLY B 45 -0.99 2.32 14.18
CA GLY B 45 -0.91 1.79 15.51
C GLY B 45 -1.58 2.69 16.52
N ARG B 46 -1.77 2.11 17.69
CA ARG B 46 -2.35 2.85 18.78
C ARG B 46 -1.50 4.02 19.25
N SER B 47 -0.24 4.06 18.84
CA SER B 47 0.68 5.10 19.27
C SER B 47 0.61 6.38 18.44
N ALA B 48 -0.26 6.42 17.43
CA ALA B 48 -0.41 7.61 16.61
C ALA B 48 -1.04 8.77 17.38
N ARG B 49 -0.56 9.98 17.11
CA ARG B 49 -1.17 11.18 17.68
C ARG B 49 -2.16 11.87 16.75
N ILE B 50 -2.12 11.57 15.46
CA ILE B 50 -3.05 12.13 14.49
C ILE B 50 -3.83 10.99 13.86
N MET B 51 -5.15 11.04 14.02
CA MET B 51 -6.05 10.11 13.35
C MET B 51 -6.62 10.79 12.12
N MET B 52 -6.90 10.00 11.10
CA MET B 52 -7.34 10.56 9.83
C MET B 52 -8.44 9.70 9.26
N ILE B 53 -9.58 10.31 8.95
CA ILE B 53 -10.81 9.59 8.62
C ILE B 53 -11.29 10.01 7.25
N GLY B 54 -11.36 9.07 6.35
CA GLY B 54 -11.96 9.28 5.05
C GLY B 54 -13.41 8.85 5.07
N GLU B 55 -13.95 8.69 3.86
CA GLU B 55 -15.36 8.36 3.73
C GLU B 55 -15.61 6.87 3.80
N GLN B 56 -14.90 6.11 2.98
CA GLN B 56 -15.28 4.73 2.69
C GLN B 56 -14.11 4.06 1.99
N PRO B 57 -13.97 2.75 2.09
CA PRO B 57 -12.97 2.08 1.24
C PRO B 57 -13.45 2.12 -0.21
N GLY B 58 -12.55 2.48 -1.11
CA GLY B 58 -12.88 2.50 -2.53
C GLY B 58 -12.70 1.14 -3.16
N ASP B 59 -12.65 1.15 -4.49
CA ASP B 59 -12.56 -0.08 -5.26
C ASP B 59 -11.31 -0.88 -4.90
N LYS B 60 -10.13 -0.25 -5.04
CA LYS B 60 -8.88 -0.94 -4.73
C LYS B 60 -8.74 -1.23 -3.24
N GLU B 61 -9.24 -0.34 -2.38
CA GLU B 61 -9.20 -0.63 -0.96
C GLU B 61 -10.01 -1.89 -0.68
N ASP B 62 -11.15 -2.02 -1.34
CA ASP B 62 -11.99 -3.20 -1.14
C ASP B 62 -11.29 -4.45 -1.66
N LEU B 63 -10.51 -4.33 -2.75
CA LEU B 63 -9.83 -5.51 -3.28
C LEU B 63 -8.53 -5.86 -2.54
N ALA B 64 -7.86 -4.87 -1.95
CA ALA B 64 -6.61 -5.12 -1.25
C ALA B 64 -6.78 -5.33 0.25
N GLY B 65 -7.89 -4.88 0.83
CA GLY B 65 -8.10 -4.96 2.26
C GLY B 65 -7.40 -3.90 3.07
N LEU B 66 -6.86 -2.86 2.44
CA LEU B 66 -6.18 -1.79 3.18
C LEU B 66 -6.75 -0.45 2.75
N PRO B 67 -6.81 0.50 3.69
CA PRO B 67 -7.28 1.85 3.33
C PRO B 67 -6.27 2.61 2.48
N PHE B 68 -6.81 3.44 1.60
CA PHE B 68 -6.06 4.47 0.87
C PHE B 68 -4.93 3.89 0.02
N VAL B 69 -5.25 2.93 -0.84
CA VAL B 69 -4.28 2.40 -1.78
C VAL B 69 -4.55 2.80 -3.22
N GLY B 70 -5.72 3.38 -3.51
CA GLY B 70 -6.02 3.79 -4.87
C GLY B 70 -5.51 5.18 -5.18
N PRO B 71 -5.94 5.75 -6.32
CA PRO B 71 -5.46 7.08 -6.72
C PRO B 71 -5.61 8.15 -5.66
N ALA B 72 -6.77 8.20 -5.02
CA ALA B 72 -6.98 9.21 -3.98
C ALA B 72 -6.02 9.00 -2.82
N GLY B 73 -5.73 7.75 -2.50
CA GLY B 73 -4.77 7.46 -1.44
C GLY B 73 -3.35 7.86 -1.80
N ARG B 74 -2.97 7.70 -3.07
CA ARG B 74 -1.65 8.16 -3.51
C ARG B 74 -1.54 9.67 -3.36
N LEU B 75 -2.59 10.39 -3.78
CA LEU B 75 -2.59 11.83 -3.62
C LEU B 75 -2.52 12.19 -2.15
N LEU B 76 -3.27 11.48 -1.30
CA LEU B 76 -3.16 11.69 0.14
C LEU B 76 -1.73 11.50 0.61
N ASP B 77 -1.07 10.47 0.10
CA ASP B 77 0.31 10.18 0.50
C ASP B 77 1.22 11.37 0.17
N ARG B 78 1.05 11.99 -1.00
CA ARG B 78 1.88 13.17 -1.25
C ARG B 78 1.51 14.32 -0.37
N ALA B 79 0.20 14.55 -0.17
CA ALA B 79 -0.20 15.63 0.70
C ALA B 79 0.43 15.48 2.08
N LEU B 80 0.46 14.27 2.61
CA LEU B 80 1.12 14.00 3.87
C LEU B 80 2.60 14.39 3.79
N GLU B 81 3.24 14.03 2.68
CA GLU B 81 4.66 14.37 2.52
C GLU B 81 4.87 15.87 2.47
N ALA B 82 4.03 16.60 1.71
CA ALA B 82 4.16 18.04 1.58
C ALA B 82 3.81 18.76 2.88
N ALA B 83 3.07 18.11 3.77
CA ALA B 83 2.76 18.67 5.08
C ALA B 83 3.77 18.26 6.14
N ASP B 84 4.82 17.54 5.75
CA ASP B 84 5.82 16.99 6.68
C ASP B 84 5.15 16.30 7.87
N ILE B 85 4.14 15.49 7.57
CA ILE B 85 3.46 14.68 8.57
C ILE B 85 4.04 13.27 8.50
N ASP B 86 4.65 12.84 9.59
CA ASP B 86 5.29 11.54 9.64
C ASP B 86 4.21 10.45 9.69
N ARG B 87 4.43 9.36 8.94
CA ARG B 87 3.41 8.32 8.87
C ARG B 87 3.32 7.44 10.11
N ASP B 88 4.42 7.24 10.83
CA ASP B 88 4.37 6.44 12.06
C ASP B 88 3.50 7.09 13.13
N ALA B 89 3.33 8.41 13.06
CA ALA B 89 2.50 9.15 14.00
C ALA B 89 1.04 9.18 13.58
N LEU B 90 0.66 8.37 12.59
CA LEU B 90 -0.63 8.45 11.92
C LEU B 90 -1.44 7.17 12.12
N TYR B 91 -2.73 7.34 12.41
CA TYR B 91 -3.70 6.26 12.26
C TYR B 91 -4.73 6.67 11.24
N VAL B 92 -4.96 5.82 10.24
CA VAL B 92 -5.74 6.19 9.07
C VAL B 92 -6.90 5.21 8.91
N THR B 93 -8.11 5.74 8.76
CA THR B 93 -9.32 4.91 8.67
C THR B 93 -10.41 5.68 7.91
N ASN B 94 -11.60 5.09 7.86
CA ASN B 94 -12.73 5.63 7.09
C ASN B 94 -14.00 5.62 7.94
N ALA B 95 -14.93 6.52 7.60
CA ALA B 95 -16.18 6.62 8.34
C ALA B 95 -17.02 5.34 8.22
N VAL B 96 -16.99 4.73 7.04
CA VAL B 96 -17.71 3.50 6.73
C VAL B 96 -16.70 2.48 6.24
N LYS B 97 -16.85 1.22 6.69
CA LYS B 97 -15.82 0.18 6.57
C LYS B 97 -16.02 -0.79 5.38
N HIS B 98 -17.17 -0.80 4.71
CA HIS B 98 -17.39 -1.66 3.54
C HIS B 98 -17.71 -0.78 2.32
N PHE B 99 -17.15 -1.13 1.17
CA PHE B 99 -17.27 -0.39 -0.09
C PHE B 99 -18.70 -0.31 -0.63
N LYS B 100 -19.30 0.90 -0.62
CA LYS B 100 -20.65 1.13 -1.12
C LYS B 100 -20.61 1.58 -2.58
N PHE B 101 -21.30 0.85 -3.45
CA PHE B 101 -21.12 1.04 -4.89
C PHE B 101 -22.36 0.58 -5.62
N THR B 102 -22.39 0.89 -6.92
CA THR B 102 -23.29 0.27 -7.88
C THR B 102 -22.46 -0.17 -9.07
N ARG B 103 -22.89 -1.22 -9.74
CA ARG B 103 -22.17 -1.76 -10.90
C ARG B 103 -21.98 -0.74 -12.02
N ARG B 109 -15.64 -1.37 -13.04
CA ARG B 109 -17.08 -1.50 -13.22
C ARG B 109 -17.84 -1.01 -11.99
N ARG B 110 -17.30 -1.27 -10.80
CA ARG B 110 -17.91 -0.76 -9.58
C ARG B 110 -17.65 0.74 -9.46
N ILE B 111 -18.69 1.49 -9.10
CA ILE B 111 -18.62 2.95 -8.99
C ILE B 111 -19.08 3.34 -7.60
N GLU B 112 -18.22 4.07 -6.87
CA GLU B 112 -18.51 4.40 -5.48
C GLU B 112 -19.74 5.29 -5.34
N LYS B 113 -20.56 4.97 -4.32
CA LYS B 113 -21.73 5.74 -3.95
C LYS B 113 -21.60 6.25 -2.53
N THR B 114 -22.01 7.49 -2.32
CA THR B 114 -21.88 8.13 -1.02
C THR B 114 -22.69 7.38 0.04
N PRO B 115 -22.11 7.09 1.21
CA PRO B 115 -22.87 6.44 2.30
C PRO B 115 -24.06 7.28 2.76
N SER B 116 -25.18 6.60 3.01
CA SER B 116 -26.34 7.22 3.63
C SER B 116 -26.01 7.76 5.01
N ARG B 117 -26.89 8.66 5.49
CA ARG B 117 -26.79 9.06 6.88
C ARG B 117 -27.03 7.88 7.80
N THR B 118 -27.98 7.02 7.44
CA THR B 118 -28.28 5.85 8.27
C THR B 118 -27.07 4.92 8.37
N GLU B 119 -26.31 4.80 7.28
CA GLU B 119 -25.14 3.91 7.33
C GLU B 119 -24.00 4.51 8.13
N VAL B 120 -23.75 5.81 7.98
CA VAL B 120 -22.69 6.42 8.79
C VAL B 120 -23.05 6.32 10.26
N VAL B 121 -24.35 6.44 10.61
CA VAL B 121 -24.75 6.16 11.98
C VAL B 121 -24.51 4.69 12.32
N ALA B 122 -24.82 3.80 11.38
CA ALA B 122 -24.77 2.36 11.61
C ALA B 122 -23.34 1.87 11.82
N CYS B 123 -22.38 2.37 11.03
CA CYS B 123 -21.03 1.87 11.12
C CYS B 123 -20.20 2.63 12.14
N ARG B 124 -20.76 3.65 12.72
CA ARG B 124 -19.89 4.52 13.48
C ARG B 124 -19.35 3.94 14.78
N PRO B 125 -20.09 3.04 15.44
CA PRO B 125 -19.52 2.41 16.65
C PRO B 125 -18.10 1.92 16.42
N TRP B 126 -17.77 1.50 15.20
CA TRP B 126 -16.39 1.15 14.90
C TRP B 126 -15.48 2.35 15.04
N LEU B 127 -15.92 3.53 14.57
CA LEU B 127 -15.13 4.74 14.74
C LEU B 127 -14.90 5.08 16.19
N ILE B 128 -15.95 4.94 17.01
CA ILE B 128 -15.78 5.15 18.44
C ILE B 128 -14.75 4.19 19.01
N ALA B 129 -14.80 2.92 18.59
CA ALA B 129 -13.86 1.91 19.10
C ALA B 129 -12.42 2.27 18.72
N GLU B 130 -12.18 2.62 17.46
CA GLU B 130 -10.84 3.00 17.01
C GLU B 130 -10.36 4.22 17.76
N MET B 131 -11.24 5.21 17.92
CA MET B 131 -10.85 6.45 18.59
C MET B 131 -10.51 6.23 20.05
N THR B 132 -11.24 5.33 20.72
CA THR B 132 -10.87 5.01 22.10
C THR B 132 -9.52 4.32 22.14
N SER B 133 -9.30 3.39 21.21
CA SER B 133 -8.04 2.64 21.20
C SER B 133 -6.85 3.54 20.94
N VAL B 134 -6.96 4.45 19.98
CA VAL B 134 -5.82 5.27 19.57
C VAL B 134 -5.71 6.53 20.42
N GLU B 135 -6.84 7.08 20.88
CA GLU B 135 -6.88 8.29 21.67
C GLU B 135 -6.10 9.43 20.99
N PRO B 136 -6.53 9.86 19.81
CA PRO B 136 -5.72 10.83 19.05
C PRO B 136 -5.73 12.21 19.68
N ASP B 137 -4.63 12.94 19.46
CA ASP B 137 -4.57 14.34 19.84
C ASP B 137 -5.35 15.24 18.87
N VAL B 138 -5.41 14.85 17.60
CA VAL B 138 -6.12 15.63 16.59
C VAL B 138 -6.69 14.65 15.57
N VAL B 139 -7.86 14.99 15.03
CA VAL B 139 -8.55 14.15 14.05
C VAL B 139 -8.76 14.96 12.78
N VAL B 140 -8.25 14.43 11.67
CA VAL B 140 -8.49 15.00 10.35
C VAL B 140 -9.66 14.28 9.70
N LEU B 141 -10.68 15.05 9.37
CA LEU B 141 -11.88 14.56 8.70
C LEU B 141 -11.74 14.88 7.22
N LEU B 142 -11.44 13.86 6.42
CA LEU B 142 -11.20 14.00 4.98
C LEU B 142 -12.52 13.80 4.24
N GLY B 143 -13.19 14.90 3.91
CA GLY B 143 -14.41 14.86 3.13
C GLY B 143 -15.66 15.00 3.98
N ALA B 144 -16.79 15.13 3.27
CA ALA B 144 -18.05 15.49 3.92
C ALA B 144 -18.55 14.37 4.81
N THR B 145 -18.45 13.13 4.36
CA THR B 145 -18.96 12.00 5.13
C THR B 145 -18.26 11.92 6.48
N ALA B 146 -16.92 11.97 6.47
CA ALA B 146 -16.16 11.90 7.71
C ALA B 146 -16.49 13.07 8.63
N ALA B 147 -16.53 14.28 8.09
CA ALA B 147 -16.83 15.45 8.91
C ALA B 147 -18.21 15.34 9.52
N LYS B 148 -19.19 14.85 8.76
CA LYS B 148 -20.56 14.70 9.27
C LYS B 148 -20.65 13.62 10.34
N ALA B 149 -19.82 12.56 10.24
CA ALA B 149 -19.86 11.48 11.22
C ALA B 149 -19.65 11.99 12.64
N LEU B 150 -18.80 13.00 12.81
CA LEU B 150 -18.48 13.55 14.12
C LEU B 150 -19.06 14.92 14.38
N LEU B 151 -19.46 15.65 13.33
CA LEU B 151 -19.90 17.03 13.45
C LEU B 151 -21.37 17.26 13.15
N GLY B 152 -22.08 16.24 12.70
CA GLY B 152 -23.50 16.43 12.41
C GLY B 152 -23.78 16.55 10.93
N ASN B 153 -24.95 16.04 10.53
CA ASN B 153 -25.33 15.94 9.13
C ASN B 153 -25.52 17.30 8.46
N ASP B 154 -25.58 18.39 9.22
CA ASP B 154 -25.66 19.73 8.65
C ASP B 154 -24.30 20.33 8.33
N PHE B 155 -23.20 19.65 8.68
CA PHE B 155 -21.87 20.22 8.53
C PHE B 155 -21.46 20.25 7.06
N ARG B 156 -20.94 21.39 6.61
CA ARG B 156 -20.49 21.58 5.24
C ARG B 156 -19.00 21.83 5.27
N VAL B 157 -18.23 20.85 4.79
CA VAL B 157 -16.79 20.96 4.82
C VAL B 157 -16.31 22.12 3.97
N THR B 158 -17.04 22.45 2.90
CA THR B 158 -16.67 23.60 2.09
C THR B 158 -16.76 24.91 2.85
N GLN B 159 -17.48 24.93 3.98
CA GLN B 159 -17.62 26.12 4.79
C GLN B 159 -16.66 26.25 5.95
N HIS B 160 -16.26 25.12 6.54
CA HIS B 160 -15.55 25.16 7.81
C HIS B 160 -14.24 24.38 7.75
N ARG B 161 -13.76 24.09 6.55
CA ARG B 161 -12.48 23.41 6.40
C ARG B 161 -11.36 24.26 6.96
N GLY B 162 -10.35 23.60 7.54
CA GLY B 162 -9.23 24.30 8.11
C GLY B 162 -9.45 24.89 9.48
N GLU B 163 -10.60 24.63 10.11
CA GLU B 163 -10.91 25.13 11.44
C GLU B 163 -10.75 24.03 12.48
N VAL B 164 -10.17 24.37 13.62
CA VAL B 164 -9.97 23.44 14.72
C VAL B 164 -11.21 23.45 15.60
N LEU B 165 -11.95 22.34 15.60
CA LEU B 165 -13.23 22.22 16.28
C LEU B 165 -13.12 21.22 17.42
N HIS B 166 -14.16 21.21 18.26
CA HIS B 166 -14.24 20.27 19.37
C HIS B 166 -15.70 19.84 19.52
N VAL B 167 -15.90 18.54 19.74
CA VAL B 167 -17.22 17.90 19.78
C VAL B 167 -17.45 17.23 21.13
N ASP B 168 -18.64 16.68 21.32
CA ASP B 168 -19.06 16.05 22.57
C ASP B 168 -19.07 14.52 22.57
N ASP B 169 -19.65 13.90 21.55
CA ASP B 169 -19.95 12.46 21.57
C ASP B 169 -18.74 11.54 21.29
N VAL B 170 -17.51 12.05 21.34
CA VAL B 170 -16.32 11.27 20.98
C VAL B 170 -15.31 11.16 22.12
N PRO B 171 -14.67 10.00 22.29
CA PRO B 171 -13.74 9.80 23.42
C PRO B 171 -12.52 10.69 23.34
N GLY B 172 -12.22 11.32 24.46
CA GLY B 172 -11.14 12.28 24.54
C GLY B 172 -11.64 13.62 24.04
N ASP B 173 -10.79 14.63 24.16
CA ASP B 173 -11.05 15.96 23.60
C ASP B 173 -10.05 16.32 22.51
N PRO B 174 -9.98 15.51 21.45
CA PRO B 174 -9.02 15.83 20.38
C PRO B 174 -9.54 17.00 19.56
N ALA B 175 -8.59 17.80 19.09
CA ALA B 175 -8.91 18.79 18.07
C ALA B 175 -9.39 18.08 16.81
N LEU B 176 -10.36 18.69 16.14
CA LEU B 176 -10.90 18.16 14.90
C LEU B 176 -10.69 19.19 13.80
N VAL B 177 -10.16 18.75 12.66
CA VAL B 177 -9.87 19.62 11.53
C VAL B 177 -10.46 18.98 10.29
N ALA B 178 -11.43 19.65 9.67
CA ALA B 178 -12.11 19.13 8.48
C ALA B 178 -11.45 19.67 7.21
N THR B 179 -11.49 18.85 6.16
CA THR B 179 -11.00 19.26 4.85
C THR B 179 -11.73 18.45 3.78
N VAL B 180 -11.49 18.79 2.53
CA VAL B 180 -12.14 18.12 1.42
C VAL B 180 -11.45 16.79 1.17
N HIS B 181 -12.20 15.82 0.65
CA HIS B 181 -11.62 14.51 0.38
C HIS B 181 -10.60 14.62 -0.76
N PRO B 182 -9.46 13.94 -0.65
CA PRO B 182 -8.44 14.05 -1.72
C PRO B 182 -8.94 13.66 -3.11
N SER B 183 -9.92 12.75 -3.22
CA SER B 183 -10.43 12.39 -4.54
C SER B 183 -11.12 13.57 -5.22
N SER B 184 -11.63 14.51 -4.42
CA SER B 184 -12.22 15.72 -4.99
C SER B 184 -11.23 16.45 -5.88
N LEU B 185 -9.94 16.43 -5.50
CA LEU B 185 -8.90 17.07 -6.30
C LEU B 185 -8.77 16.39 -7.66
N LEU B 186 -8.95 15.07 -7.71
CA LEU B 186 -8.89 14.35 -8.97
C LEU B 186 -10.11 14.61 -9.83
N ARG B 187 -11.29 14.67 -9.21
CA ARG B 187 -12.52 14.85 -9.98
C ARG B 187 -12.69 16.28 -10.49
N GLY B 188 -12.10 17.26 -9.80
CA GLY B 188 -12.25 18.63 -10.20
C GLY B 188 -11.43 18.96 -11.44
N PRO B 189 -11.54 20.21 -11.89
CA PRO B 189 -10.81 20.64 -13.09
C PRO B 189 -9.30 20.63 -12.86
N LYS B 190 -8.55 20.23 -13.88
CA LYS B 190 -7.10 20.16 -13.73
C LYS B 190 -6.48 21.51 -13.41
N GLU B 191 -7.05 22.61 -13.93
CA GLU B 191 -6.49 23.93 -13.63
C GLU B 191 -6.54 24.25 -12.14
N GLU B 192 -7.52 23.69 -11.42
CA GLU B 192 -7.62 23.95 -9.99
C GLU B 192 -6.78 23.01 -9.16
N ARG B 193 -6.21 21.96 -9.78
CA ARG B 193 -5.61 20.88 -9.00
C ARG B 193 -4.48 21.40 -8.12
N GLU B 194 -3.55 22.17 -8.71
CA GLU B 194 -2.43 22.73 -7.97
C GLU B 194 -2.90 23.51 -6.76
N SER B 195 -3.93 24.36 -6.94
CA SER B 195 -4.40 25.15 -5.81
C SER B 195 -5.14 24.26 -4.82
N ALA B 196 -5.93 23.31 -5.31
CA ALA B 196 -6.69 22.48 -4.37
C ALA B 196 -5.75 21.63 -3.53
N PHE B 197 -4.71 21.07 -4.16
CA PHE B 197 -3.70 20.36 -3.40
C PHE B 197 -3.10 21.25 -2.32
N ALA B 198 -2.79 22.51 -2.66
CA ALA B 198 -2.22 23.39 -1.66
C ALA B 198 -3.18 23.56 -0.50
N GLY B 199 -4.47 23.74 -0.81
CA GLY B 199 -5.44 23.89 0.24
C GLY B 199 -5.46 22.66 1.13
N LEU B 200 -5.46 21.48 0.51
CA LEU B 200 -5.40 20.25 1.29
C LEU B 200 -4.18 20.25 2.19
N VAL B 201 -3.00 20.51 1.62
CA VAL B 201 -1.80 20.47 2.44
C VAL B 201 -1.90 21.51 3.55
N ASP B 202 -2.45 22.69 3.23
CA ASP B 202 -2.59 23.71 4.26
C ASP B 202 -3.44 23.19 5.41
N ASP B 203 -4.60 22.60 5.09
CA ASP B 203 -5.44 22.09 6.15
C ASP B 203 -4.69 21.05 6.97
N LEU B 204 -3.93 20.18 6.30
CA LEU B 204 -3.19 19.16 7.03
C LEU B 204 -2.22 19.81 8.01
N ARG B 205 -1.52 20.85 7.56
CA ARG B 205 -0.54 21.49 8.44
C ARG B 205 -1.22 22.08 9.66
N VAL B 206 -2.44 22.62 9.49
CA VAL B 206 -3.17 23.14 10.65
C VAL B 206 -3.31 22.04 11.69
N ALA B 207 -3.76 20.86 11.26
CA ALA B 207 -3.92 19.75 12.18
C ALA B 207 -2.58 19.34 12.77
N ALA B 208 -1.51 19.40 11.96
CA ALA B 208 -0.20 19.02 12.47
C ALA B 208 0.38 20.09 13.40
N ASP B 209 -0.13 21.31 13.34
CA ASP B 209 0.37 22.40 14.18
C ASP B 209 -0.43 22.53 15.47
N VAL B 210 -1.01 21.42 15.93
CA VAL B 210 -1.81 21.30 17.15
C VAL B 210 -3.22 21.77 16.85
C1 ORP C 8 12.94 -5.89 2.45
C2 ORP C 8 13.91 -5.28 1.37
C3 ORP C 8 14.41 -4.22 1.93
O3 ORP C 8 15.72 -4.49 2.53
C4 ORP C 8 13.32 -3.80 3.14
O4 ORP C 8 12.36 -4.65 3.21
C5 ORP C 8 12.78 -2.41 3.08
O5 ORP C 8 11.87 -2.41 4.14
P ORP C 8 11.02 -1.05 4.51
O1P ORP C 8 10.26 -0.52 3.32
O2P ORP C 8 10.05 -1.39 5.63
C1 ORP D 8 -14.29 6.60 -1.76
C2 ORP D 8 -14.25 8.17 -1.67
C3 ORP D 8 -13.87 8.63 -2.81
O3 ORP D 8 -14.98 9.22 -3.53
C4 ORP D 8 -13.30 7.31 -3.69
O4 ORP D 8 -13.34 6.25 -2.96
C5 ORP D 8 -11.93 7.57 -4.28
O5 ORP D 8 -11.62 6.38 -4.94
P ORP D 8 -10.27 6.20 -5.87
O1P ORP D 8 -9.00 6.37 -5.07
O2P ORP D 8 -10.34 4.80 -6.42
FE1 SF4 E . 10.07 -20.44 1.43
FE2 SF4 E . 7.47 -18.81 2.02
FE3 SF4 E . 7.54 -21.41 0.16
FE4 SF4 E . 8.88 -18.90 -0.73
S1 SF4 E . 6.84 -19.33 -0.02
S2 SF4 E . 9.54 -20.99 -0.62
S3 SF4 E . 9.47 -18.33 1.28
S4 SF4 E . 8.07 -20.91 2.21
FE1 SF4 F . -22.37 -1.65 7.49
FE2 SF4 F . -19.53 -2.91 6.98
FE3 SF4 F . -20.91 -3.02 9.84
FE4 SF4 F . -19.78 -0.25 8.72
S1 SF4 F . -19.06 -2.27 9.00
S2 SF4 F . -21.67 -1.01 9.45
S3 SF4 F . -20.43 -0.95 6.79
S4 SF4 F . -21.42 -3.58 7.81
#